data_8OX3
#
_entry.id   8OX3
#
_cell.length_a   86.107
_cell.length_b   56.963
_cell.length_c   30.908
_cell.angle_alpha   90.000
_cell.angle_beta   106.272
_cell.angle_gamma   90.000
#
_symmetry.space_group_name_H-M   'C 1 2 1'
#
loop_
_entity.id
_entity.type
_entity.pdbx_description
1 polymer 'Lymphatic vessel endothelial hyaluronic acid receptor 1'
2 branched '2-acetamido-2-deoxy-beta-D-glucopyranose-(1-4)-beta-D-glucopyranuronic acid-(1-3)-2-acetamido-2-deoxy-beta-D-glucopyranose-(1-4)-beta-D-glucopyranuronic acid-(1-3)-2-acetamido-2-deoxy-beta-D-glucopyranose-(1-4)-beta-D-glucopyranuronic acid'
3 non-polymer 2-acetamido-2-deoxy-beta-D-glucopyranose
4 non-polymer GLYCEROL
5 non-polymer DI(HYDROXYETHYL)ETHER
6 non-polymer 'CHLORIDE ION'
7 water water
#
_entity_poly.entity_id   1
_entity_poly.type   'polypeptide(L)'
_entity_poly.pdbx_seq_one_letter_code
;MLQHTSLVLLLASIWTTRHPVQGADLVQDLSISTCRIMGVALVGRNKNPQMNFTEANEACKMLGLTLASRDQVESAQKSG
FETCSYGWVGEQFSVIPRIFSNPRCGKNGKGVLIWNAPSSQKFKAYCHNSSDTWVNSCIPEIVTTFYPVLDTQTPATEFS
VSSSAYLASSPDSTTPVSATTRAPPLTSMARKTKKICITEVYTEPITMATETEAFVASGAAFKNEAAGFGGVPTALLVLA
LLFFGAAAVLAVCYVKRYVKAFPFTTKNQQKEMIETKVVKEEKADDVNANEESKKTIKNPEEAKSPPKTTVRCLEAEV
;
_entity_poly.pdbx_strand_id   A
#
loop_
_chem_comp.id
_chem_comp.type
_chem_comp.name
_chem_comp.formula
BDP D-saccharide, beta linking 'beta-D-glucopyranuronic acid' 'C6 H10 O7'
CL non-polymer 'CHLORIDE ION' 'Cl -1'
GOL non-polymer GLYCEROL 'C3 H8 O3'
NAG D-saccharide, beta linking 2-acetamido-2-deoxy-beta-D-glucopyranose 'C8 H15 N O6'
PEG non-polymer DI(HYDROXYETHYL)ETHER 'C4 H10 O3'
#
# COMPACT_ATOMS: atom_id res chain seq x y z
N ASP A 29 -0.39 10.15 -14.73
CA ASP A 29 -1.26 9.03 -14.38
C ASP A 29 -0.68 8.32 -13.17
N LEU A 30 -1.50 7.54 -12.47
CA LEU A 30 -1.04 6.80 -11.31
C LEU A 30 -0.97 5.32 -11.67
N SER A 31 -0.03 4.64 -11.04
N SER A 31 -0.05 4.62 -11.02
CA SER A 31 0.02 3.18 -11.07
CA SER A 31 0.06 3.17 -11.12
C SER A 31 -0.82 2.66 -9.92
C SER A 31 -0.68 2.56 -9.95
N ILE A 32 -1.59 1.61 -10.19
N ILE A 32 -1.61 1.64 -10.23
CA ILE A 32 -2.46 1.02 -9.18
CA ILE A 32 -2.42 1.00 -9.20
C ILE A 32 -2.40 -0.50 -9.32
C ILE A 32 -2.32 -0.51 -9.32
N SER A 33 -2.48 -1.20 -8.19
CA SER A 33 -2.61 -2.65 -8.21
C SER A 33 -3.80 -3.00 -9.10
N THR A 34 -3.60 -3.96 -9.99
CA THR A 34 -4.69 -4.36 -10.87
C THR A 34 -5.83 -5.01 -10.09
N CYS A 35 -5.47 -5.85 -9.13
CA CYS A 35 -6.42 -6.61 -8.31
C CYS A 35 -6.20 -6.22 -6.86
N ARG A 36 -7.24 -5.67 -6.24
CA ARG A 36 -7.14 -5.25 -4.85
C ARG A 36 -7.38 -6.44 -3.93
N ILE A 37 -6.59 -6.55 -2.88
CA ILE A 37 -6.68 -7.66 -1.94
C ILE A 37 -7.18 -7.09 -0.62
N MET A 38 -8.30 -7.61 -0.13
CA MET A 38 -8.94 -7.04 1.05
C MET A 38 -9.11 -5.53 0.92
N GLY A 39 -9.48 -5.10 -0.28
CA GLY A 39 -9.71 -3.70 -0.54
C GLY A 39 -8.47 -2.84 -0.72
N VAL A 40 -7.29 -3.40 -0.66
CA VAL A 40 -6.05 -2.62 -0.65
C VAL A 40 -5.40 -2.62 -2.02
N ALA A 41 -4.94 -1.45 -2.42
CA ALA A 41 -4.12 -1.28 -3.61
C ALA A 41 -2.86 -0.50 -3.27
N LEU A 42 -1.76 -0.88 -3.92
CA LEU A 42 -0.57 -0.03 -3.99
C LEU A 42 -0.79 1.02 -5.07
N VAL A 43 -0.58 2.28 -4.72
CA VAL A 43 -0.76 3.39 -5.64
C VAL A 43 0.53 4.20 -5.66
N GLY A 44 1.06 4.43 -6.85
CA GLY A 44 2.29 5.17 -6.98
C GLY A 44 2.21 6.14 -8.13
N ARG A 45 3.10 7.12 -8.10
CA ARG A 45 3.30 7.93 -9.30
C ARG A 45 4.03 7.10 -10.34
N ASN A 46 3.78 7.40 -11.61
CA ASN A 46 4.36 6.61 -12.68
C ASN A 46 5.88 6.73 -12.73
N LYS A 47 6.42 7.87 -12.28
CA LYS A 47 7.86 8.07 -12.22
C LYS A 47 8.19 8.87 -10.97
N ASN A 48 9.44 8.78 -10.54
CA ASN A 48 9.90 9.55 -9.39
C ASN A 48 9.76 11.04 -9.69
N PRO A 49 9.54 11.88 -8.66
CA PRO A 49 9.49 11.49 -7.24
C PRO A 49 8.12 10.94 -6.81
N GLN A 50 8.13 10.16 -5.73
CA GLN A 50 6.89 9.67 -5.14
C GLN A 50 6.31 10.73 -4.20
N MET A 51 5.65 10.31 -3.12
CA MET A 51 4.65 11.16 -2.50
C MET A 51 4.95 11.30 -1.02
N ASN A 52 4.91 12.52 -0.51
CA ASN A 52 4.93 12.69 0.94
C ASN A 52 3.57 12.28 1.52
N PHE A 53 3.44 12.35 2.85
CA PHE A 53 2.21 11.84 3.48
C PHE A 53 0.97 12.55 2.94
N THR A 54 1.02 13.88 2.88
CA THR A 54 -0.10 14.65 2.37
C THR A 54 -0.43 14.28 0.93
N GLU A 55 0.60 14.13 0.10
CA GLU A 55 0.40 13.79 -1.31
C GLU A 55 -0.17 12.38 -1.46
N ALA A 56 0.27 11.45 -0.61
CA ALA A 56 -0.24 10.07 -0.69
C ALA A 56 -1.71 10.02 -0.30
N ASN A 57 -2.04 10.72 0.78
N ASN A 57 -2.07 10.70 0.80
CA ASN A 57 -3.44 10.82 1.16
CA ASN A 57 -3.48 10.83 1.15
C ASN A 57 -4.27 11.41 0.02
C ASN A 57 -4.28 11.38 -0.02
N GLU A 58 -3.74 12.43 -0.65
CA GLU A 58 -4.49 13.08 -1.70
C GLU A 58 -4.65 12.15 -2.91
N ALA A 59 -3.64 11.35 -3.23
CA ALA A 59 -3.76 10.39 -4.32
C ALA A 59 -4.89 9.42 -4.06
N CYS A 60 -4.96 8.86 -2.85
CA CYS A 60 -6.07 7.96 -2.55
C CYS A 60 -7.41 8.68 -2.69
N LYS A 61 -7.49 9.90 -2.15
CA LYS A 61 -8.76 10.64 -2.22
C LYS A 61 -9.18 10.89 -3.66
N MET A 62 -8.23 11.17 -4.54
CA MET A 62 -8.57 11.50 -5.92
C MET A 62 -9.18 10.28 -6.60
N LEU A 63 -8.79 9.08 -6.18
CA LEU A 63 -9.37 7.83 -6.66
C LEU A 63 -10.67 7.47 -5.93
N GLY A 64 -11.15 8.30 -5.02
CA GLY A 64 -12.33 7.97 -4.25
C GLY A 64 -12.07 6.98 -3.13
N LEU A 65 -10.82 6.78 -2.76
CA LEU A 65 -10.41 5.83 -1.74
C LEU A 65 -9.91 6.61 -0.52
N THR A 66 -9.50 5.86 0.50
CA THR A 66 -8.85 6.45 1.65
C THR A 66 -7.46 5.85 1.74
N LEU A 67 -6.58 6.51 2.47
CA LEU A 67 -5.30 5.89 2.79
C LEU A 67 -5.56 4.71 3.71
N ALA A 68 -4.98 3.57 3.39
CA ALA A 68 -5.20 2.36 4.17
C ALA A 68 -4.55 2.51 5.54
N SER A 69 -5.08 1.78 6.52
CA SER A 69 -4.43 1.64 7.80
C SER A 69 -3.43 0.50 7.74
N ARG A 70 -2.52 0.48 8.72
CA ARG A 70 -1.60 -0.64 8.84
C ARG A 70 -2.35 -1.95 8.97
N ASP A 71 -3.44 -1.99 9.75
CA ASP A 71 -4.22 -3.22 9.91
C ASP A 71 -4.81 -3.67 8.59
N GLN A 72 -5.25 -2.72 7.76
CA GLN A 72 -5.80 -3.10 6.46
C GLN A 72 -4.73 -3.71 5.56
N VAL A 73 -3.51 -3.16 5.61
CA VAL A 73 -2.43 -3.74 4.82
C VAL A 73 -2.09 -5.14 5.34
N GLU A 74 -2.09 -5.32 6.67
CA GLU A 74 -1.85 -6.65 7.22
C GLU A 74 -2.91 -7.66 6.79
N SER A 75 -4.18 -7.26 6.80
N SER A 75 -4.18 -7.26 6.82
CA SER A 75 -5.23 -8.16 6.33
CA SER A 75 -5.24 -8.14 6.33
C SER A 75 -5.00 -8.55 4.88
C SER A 75 -4.96 -8.56 4.90
N ALA A 76 -4.61 -7.58 4.05
CA ALA A 76 -4.28 -7.89 2.66
C ALA A 76 -3.11 -8.87 2.58
N GLN A 77 -2.05 -8.63 3.36
CA GLN A 77 -0.88 -9.50 3.32
C GLN A 77 -1.27 -10.93 3.71
N LYS A 78 -2.17 -11.07 4.68
CA LYS A 78 -2.60 -12.39 5.11
C LYS A 78 -3.47 -13.07 4.06
N SER A 79 -3.98 -12.31 3.09
CA SER A 79 -4.65 -12.93 1.94
C SER A 79 -3.81 -12.92 0.65
N GLY A 80 -2.50 -12.78 0.75
CA GLY A 80 -1.63 -12.98 -0.41
C GLY A 80 -1.05 -11.74 -1.03
N PHE A 81 -1.26 -10.56 -0.44
CA PHE A 81 -0.75 -9.30 -0.99
C PHE A 81 0.70 -9.08 -0.57
N GLU A 82 1.61 -8.94 -1.53
CA GLU A 82 2.94 -8.43 -1.21
C GLU A 82 3.39 -7.51 -2.34
N THR A 83 4.29 -6.61 -1.99
CA THR A 83 4.85 -5.69 -2.96
C THR A 83 6.33 -5.52 -2.63
N CYS A 84 7.05 -4.86 -3.54
CA CYS A 84 8.39 -4.39 -3.18
C CYS A 84 8.46 -2.87 -3.17
N SER A 85 7.47 -2.25 -2.54
CA SER A 85 7.46 -0.80 -2.38
C SER A 85 6.99 -0.44 -0.98
N TYR A 86 7.68 0.50 -0.34
CA TYR A 86 7.16 1.12 0.86
C TYR A 86 6.09 2.15 0.48
N GLY A 87 5.04 2.20 1.28
CA GLY A 87 3.96 3.14 1.04
C GLY A 87 3.38 3.64 2.34
N TRP A 88 2.90 4.87 2.30
CA TRP A 88 2.27 5.51 3.45
C TRP A 88 0.97 4.79 3.83
N VAL A 89 0.72 4.76 5.14
CA VAL A 89 -0.57 4.36 5.70
C VAL A 89 -1.04 5.47 6.65
N GLY A 90 -2.29 5.35 7.08
CA GLY A 90 -2.95 6.40 7.85
C GLY A 90 -2.30 6.70 9.19
N GLU A 91 -1.54 5.75 9.73
CA GLU A 91 -0.82 5.97 10.98
C GLU A 91 0.36 6.93 10.80
N GLN A 92 0.63 7.39 9.58
CA GLN A 92 1.69 8.35 9.31
C GLN A 92 3.07 7.72 9.50
N PHE A 93 3.19 6.46 9.11
CA PHE A 93 4.45 5.81 8.83
C PHE A 93 4.29 5.04 7.53
N SER A 94 5.38 4.47 7.04
N SER A 94 5.37 4.46 7.04
CA SER A 94 5.36 3.73 5.78
CA SER A 94 5.28 3.72 5.80
C SER A 94 5.47 2.24 6.09
C SER A 94 5.45 2.23 6.09
N VAL A 95 4.88 1.41 5.22
CA VAL A 95 4.90 -0.03 5.40
C VAL A 95 5.22 -0.74 4.10
N ILE A 96 5.65 -1.98 4.22
CA ILE A 96 5.78 -2.86 3.06
C ILE A 96 5.25 -4.24 3.43
N PRO A 97 4.32 -4.79 2.65
CA PRO A 97 3.84 -6.16 2.92
C PRO A 97 4.71 -7.18 2.21
N ARG A 98 5.24 -8.13 2.95
CA ARG A 98 6.15 -9.14 2.42
C ARG A 98 5.66 -10.52 2.84
N ILE A 99 5.62 -11.43 1.89
CA ILE A 99 5.32 -12.81 2.15
C ILE A 99 6.57 -13.68 2.02
N PHE A 100 7.32 -13.47 0.96
CA PHE A 100 8.63 -14.10 0.76
C PHE A 100 9.70 -13.11 1.17
N SER A 101 10.79 -13.62 1.74
N SER A 101 10.73 -13.61 1.84
CA SER A 101 11.88 -12.75 2.18
CA SER A 101 11.85 -12.74 2.13
C SER A 101 12.83 -12.45 1.03
C SER A 101 12.59 -12.41 0.85
N ASN A 102 13.02 -11.16 0.74
CA ASN A 102 13.86 -10.74 -0.35
C ASN A 102 14.79 -9.65 0.17
N PRO A 103 16.09 -9.75 -0.07
CA PRO A 103 17.02 -8.77 0.54
C PRO A 103 16.75 -7.33 0.16
N ARG A 104 16.11 -7.08 -0.98
CA ARG A 104 15.89 -5.73 -1.46
C ARG A 104 14.51 -5.18 -1.13
N CYS A 105 13.71 -5.92 -0.36
CA CYS A 105 12.35 -5.53 -0.04
C CYS A 105 12.13 -5.66 1.46
N GLY A 106 11.98 -4.54 2.16
CA GLY A 106 11.81 -4.64 3.59
C GLY A 106 12.98 -5.28 4.31
N LYS A 107 14.19 -5.08 3.80
CA LYS A 107 15.42 -5.66 4.37
C LYS A 107 15.24 -7.11 4.76
N ASN A 108 14.70 -7.89 3.83
CA ASN A 108 14.59 -9.34 3.96
C ASN A 108 13.51 -9.79 4.92
N GLY A 109 12.67 -8.88 5.42
CA GLY A 109 11.69 -9.25 6.42
C GLY A 109 10.46 -9.90 5.83
N LYS A 110 9.64 -10.46 6.71
CA LYS A 110 8.34 -11.01 6.35
C LYS A 110 7.29 -10.40 7.25
N GLY A 111 6.09 -10.25 6.72
CA GLY A 111 5.01 -9.62 7.45
C GLY A 111 4.67 -8.26 6.88
N VAL A 112 4.26 -7.33 7.72
CA VAL A 112 4.09 -5.95 7.31
C VAL A 112 5.15 -5.16 8.04
N LEU A 113 6.15 -4.67 7.32
CA LEU A 113 7.35 -4.16 7.97
C LEU A 113 7.15 -2.64 7.98
N ILE A 114 7.60 -1.97 9.05
CA ILE A 114 7.35 -0.56 9.30
C ILE A 114 8.64 0.25 9.14
N TRP A 115 8.52 1.40 8.50
CA TRP A 115 9.59 2.38 8.39
C TRP A 115 8.99 3.69 8.87
N ASN A 116 9.45 4.13 10.05
CA ASN A 116 9.00 5.39 10.63
C ASN A 116 9.87 6.49 10.05
N ALA A 117 9.31 7.29 9.16
CA ALA A 117 10.04 8.36 8.49
C ALA A 117 9.24 9.64 8.58
N PRO A 118 9.90 10.80 8.48
CA PRO A 118 9.17 12.07 8.53
C PRO A 118 8.12 12.17 7.43
N SER A 119 7.07 12.92 7.74
CA SER A 119 5.95 13.08 6.81
C SER A 119 6.37 13.72 5.49
N SER A 120 7.54 14.36 5.45
CA SER A 120 8.04 14.97 4.22
C SER A 120 8.67 13.96 3.27
N GLN A 121 8.98 12.75 3.74
CA GLN A 121 9.69 11.78 2.91
C GLN A 121 8.77 11.17 1.87
N LYS A 122 9.34 10.84 0.70
CA LYS A 122 8.55 10.34 -0.42
C LYS A 122 8.45 8.82 -0.41
N PHE A 123 7.23 8.32 -0.50
CA PHE A 123 6.93 6.90 -0.61
C PHE A 123 5.73 6.74 -1.54
N LYS A 124 5.35 5.50 -1.81
CA LYS A 124 4.09 5.27 -2.51
C LYS A 124 2.96 5.37 -1.49
N ALA A 125 1.76 4.94 -1.85
CA ALA A 125 0.61 4.97 -0.95
C ALA A 125 -0.06 3.60 -0.96
N TYR A 126 -0.58 3.19 0.19
CA TYR A 126 -1.52 2.08 0.24
C TYR A 126 -2.91 2.68 0.42
N CYS A 127 -3.81 2.40 -0.51
CA CYS A 127 -5.16 2.92 -0.44
C CYS A 127 -6.11 1.77 -0.15
N HIS A 128 -7.24 2.09 0.47
CA HIS A 128 -8.25 1.09 0.79
C HIS A 128 -9.59 1.50 0.20
N ASN A 129 -10.28 0.51 -0.37
CA ASN A 129 -11.57 0.68 -1.00
C ASN A 129 -12.62 0.01 -0.11
N SER A 130 -13.40 0.81 0.60
CA SER A 130 -14.41 0.28 1.52
C SER A 130 -15.58 -0.36 0.79
N SER A 131 -15.68 -0.22 -0.53
CA SER A 131 -16.76 -0.84 -1.28
C SER A 131 -16.44 -2.26 -1.72
N ASP A 132 -15.19 -2.69 -1.65
CA ASP A 132 -14.87 -4.05 -2.08
C ASP A 132 -15.51 -5.07 -1.14
N THR A 133 -16.10 -6.10 -1.73
CA THR A 133 -16.65 -7.21 -0.97
C THR A 133 -15.97 -8.54 -1.22
N TRP A 134 -15.02 -8.61 -2.15
CA TRP A 134 -14.28 -9.84 -2.39
C TRP A 134 -12.89 -9.76 -1.76
N VAL A 135 -12.36 -10.93 -1.42
CA VAL A 135 -10.99 -11.02 -0.94
C VAL A 135 -10.02 -10.48 -2.00
N ASN A 136 -10.24 -10.86 -3.25
CA ASN A 136 -9.44 -10.40 -4.36
C ASN A 136 -10.42 -9.87 -5.39
N SER A 137 -10.27 -8.60 -5.75
CA SER A 137 -11.26 -7.99 -6.64
C SER A 137 -11.28 -8.62 -8.03
N CYS A 138 -10.33 -9.50 -8.34
CA CYS A 138 -10.31 -10.23 -9.59
C CYS A 138 -10.71 -11.69 -9.46
N ILE A 139 -11.15 -12.13 -8.28
CA ILE A 139 -11.61 -13.49 -8.08
C ILE A 139 -13.05 -13.45 -7.57
N PRO A 140 -14.03 -13.67 -8.45
CA PRO A 140 -15.43 -13.54 -8.04
C PRO A 140 -15.80 -14.51 -6.92
N GLU A 141 -16.69 -14.04 -6.05
CA GLU A 141 -17.27 -14.84 -4.98
C GLU A 141 -18.77 -14.98 -5.20
C1 BDP B . 13.33 0.91 14.45
C2 BDP B . 13.45 -0.47 13.82
C3 BDP B . 14.11 -0.46 12.51
C4 BDP B . 13.66 0.62 11.58
C5 BDP B . 13.55 1.97 12.26
C6 BDP B . 12.87 2.92 11.34
O2 BDP B . 14.21 -1.34 14.72
O3 BDP B . 13.83 -1.80 11.85
O4 BDP B . 14.16 1.03 10.34
O5 BDP B . 12.76 1.88 13.50
O6A BDP B . 11.65 2.87 11.22
O6B BDP B . 13.55 3.74 10.69
C1 NAG B . 13.59 0.61 9.10
C2 NAG B . 14.63 0.78 8.00
C3 NAG B . 14.19 0.18 6.68
C4 NAG B . 13.70 -1.25 6.91
C5 NAG B . 12.66 -1.27 8.02
C6 NAG B . 12.18 -2.68 8.30
C7 NAG B . 16.23 2.58 7.80
C8 NAG B . 16.46 4.04 7.54
N2 NAG B . 14.97 2.18 7.81
O3 NAG B . 15.36 0.19 5.85
O4 NAG B . 13.13 -1.79 5.71
O5 NAG B . 13.25 -0.76 9.21
O6 NAG B . 13.24 -3.42 8.92
O7 NAG B . 17.16 1.81 7.97
C1 BDP B . 15.07 0.46 4.48
C2 BDP B . 16.32 1.00 3.82
C3 BDP B . 16.11 1.15 2.38
C4 BDP B . 15.67 -0.11 1.71
C5 BDP B . 14.41 -0.59 2.40
C6 BDP B . 13.97 -1.92 1.94
O2 BDP B . 16.70 2.26 4.44
O3 BDP B . 17.39 1.65 1.76
O4 BDP B . 15.34 0.19 0.35
O5 BDP B . 14.68 -0.77 3.82
O6A BDP B . 12.81 -2.05 1.49
O6B BDP B . 14.72 -2.88 2.03
C1 NAG B . 15.92 -0.73 -0.58
C2 NAG B . 15.06 -0.69 -1.85
C3 NAG B . 15.72 -1.45 -3.00
C4 NAG B . 17.20 -1.11 -3.14
C5 NAG B . 17.89 -1.21 -1.79
C6 NAG B . 19.34 -0.78 -1.83
C7 NAG B . 12.62 -0.55 -1.44
C8 NAG B . 11.37 -1.33 -1.19
N2 NAG B . 13.74 -1.25 -1.59
O3 NAG B . 15.07 -1.10 -4.21
O4 NAG B . 17.83 -2.01 -4.05
O5 NAG B . 17.23 -0.33 -0.89
O6 NAG B . 19.45 0.56 -2.26
O7 NAG B . 12.61 0.68 -1.50
C1 BDP B . 14.14 -2.06 -4.67
C2 BDP B . 13.17 -1.36 -5.57
C3 BDP B . 12.20 -2.29 -6.14
C4 BDP B . 12.85 -3.46 -6.80
C5 BDP B . 13.87 -4.11 -5.88
C6 BDP B . 14.68 -5.12 -6.59
O2 BDP B . 12.49 -0.33 -4.80
O3 BDP B . 11.36 -1.57 -7.16
O4 BDP B . 11.81 -4.38 -7.09
O5 BDP B . 14.83 -3.14 -5.38
O6A BDP B . 14.33 -6.30 -6.55
O6B BDP B . 15.69 -4.78 -7.19
C1 NAG B . 11.94 -4.93 -8.42
C2 NAG B . 11.16 -6.23 -8.46
C3 NAG B . 11.24 -6.85 -9.84
C4 NAG B . 10.81 -5.84 -10.90
C5 NAG B . 11.59 -4.54 -10.74
C6 NAG B . 11.13 -3.45 -11.68
C7 NAG B . 10.81 -7.74 -6.55
C8 NAG B . 11.47 -8.68 -5.58
N2 NAG B . 11.63 -7.16 -7.45
O3 NAG B . 10.42 -8.01 -9.90
O4 NAG B . 11.04 -6.38 -12.20
O5 NAG B . 11.45 -4.04 -9.42
O6 NAG B . 9.85 -2.96 -11.30
O7 NAG B . 9.61 -7.52 -6.53
C1 NAG C . 4.14 17.59 0.90
C2 NAG C . 4.67 18.73 1.76
C3 NAG C . 3.86 20.00 1.54
C4 NAG C . 3.80 20.35 0.05
C5 NAG C . 3.34 19.15 -0.77
C6 NAG C . 3.44 19.38 -2.26
C7 NAG C . 5.77 18.08 3.87
C8 NAG C . 5.55 17.73 5.31
N2 NAG C . 4.66 18.37 3.17
O3 NAG C . 4.42 21.08 2.27
O4 NAG C . 2.92 21.44 -0.15
O5 NAG C . 4.15 18.00 -0.48
O6 NAG C . 2.42 18.68 -2.97
O7 NAG C . 6.88 18.10 3.36
C1 NAG D . -13.81 0.20 -5.32
C2 NAG D . -13.42 0.39 -6.78
C3 NAG D . -14.65 0.33 -7.68
C4 NAG D . -15.43 -0.95 -7.42
C5 NAG D . -15.76 -1.07 -5.93
C6 NAG D . -16.46 -2.37 -5.58
C7 NAG D . -11.38 1.75 -6.94
C8 NAG D . -10.81 3.11 -7.22
N2 NAG D . -12.71 1.65 -6.99
O3 NAG D . -14.27 0.42 -9.04
O4 NAG D . -16.63 -0.94 -8.18
O5 NAG D . -14.54 -1.03 -5.18
O6 NAG D . -15.62 -3.50 -5.81
O7 NAG D . -10.65 0.81 -6.64
C1 GOL E . -17.17 -7.08 -6.61
C1 GOL E . -17.05 -6.87 -6.73
O1 GOL E . -17.17 -5.93 -7.40
O1 GOL E . -18.44 -6.93 -6.53
C2 GOL E . -16.42 -6.75 -5.29
C2 GOL E . -16.35 -6.85 -5.33
O2 GOL E . -16.87 -5.56 -4.73
O2 GOL E . -16.75 -5.77 -4.57
C3 GOL E . -14.93 -6.70 -5.68
C3 GOL E . -14.82 -6.79 -5.63
O3 GOL E . -14.20 -6.54 -4.50
O3 GOL E . -14.14 -6.79 -4.39
C1 PEG F . -12.25 -4.72 3.53
O1 PEG F . -11.04 -4.67 4.22
C2 PEG F . -12.13 -5.65 2.31
O2 PEG F . -13.11 -6.64 2.38
C3 PEG F . -12.89 -7.65 1.46
C4 PEG F . -14.00 -8.67 1.63
O4 PEG F . -14.22 -8.86 3.00
C1 PEG G . -19.42 -9.92 1.47
O1 PEG G . -19.23 -11.31 1.49
C2 PEG G . -18.09 -9.23 1.78
O2 PEG G . -18.25 -7.91 2.20
C3 PEG G . -17.20 -7.48 3.03
C4 PEG G . -16.73 -6.08 2.69
O4 PEG G . -17.76 -5.18 2.91
C1 PEG H . 1.83 15.68 6.80
O1 PEG H . 2.89 16.40 6.22
C2 PEG H . 0.85 16.65 7.43
O2 PEG H . 1.08 16.72 8.80
C3 PEG H . 1.51 17.98 9.27
C4 PEG H . 3.03 18.09 9.14
O4 PEG H . 3.60 16.84 9.38
CL CL I . -13.92 -3.04 1.52
#